data_1PJB
#
_entry.id   1PJB
#
_cell.length_a   123.100
_cell.length_b   123.100
_cell.length_c   184.860
_cell.angle_alpha   90.00
_cell.angle_beta   90.00
_cell.angle_gamma   120.00
#
_symmetry.space_group_name_H-M   'H 3 2'
#
loop_
_entity.id
_entity.type
_entity.pdbx_description
1 polymer 'L-ALANINE DEHYDROGENASE'
2 water water
#
_entity_poly.entity_id   1
_entity_poly.type   'polypeptide(L)'
_entity_poly.pdbx_seq_one_letter_code
;MEIGVPKEIKNQEFRVGLSPSSVRTLVEAGHTVFIETQAGIGAGFADQDYVQAGAQVVPSAKDAWSREMVVKVKEPLPAE
YDLMQKDQLLFTYLHLAAARELTEQLMRVGLTAIAYETVELPNRSLPLLTPMSIIAGRLSVQFGARFLERQQGGRGVLLG
GVPGVKPGKVVILGGGVVGTEAAKMAVGLGAQVQIFDINVERLSYLETLFGSRVELLYSNSAEIETAVAEADLLIGAVLV
PGRRAPILVPASLVEQMRTGSVIVDVAVDQGGCVETLHPTSHTQPTYEVFGVVHYGVPNMPGAVPWTATQALNNSTLPYV
VKLANQGLKALETDDALAKGLNVQAHRLVHPAVQQVFPDLA
;
_entity_poly.pdbx_strand_id   A
#
# COMPACT_ATOMS: atom_id res chain seq x y z
N MET A 1 25.77 -10.15 -9.17
CA MET A 1 25.73 -10.25 -7.71
C MET A 1 24.80 -11.38 -7.33
N GLU A 2 24.87 -11.83 -6.06
CA GLU A 2 23.96 -12.93 -5.55
C GLU A 2 22.80 -12.25 -4.91
N ILE A 3 21.61 -12.69 -5.28
CA ILE A 3 20.40 -12.09 -4.77
C ILE A 3 19.47 -13.17 -4.26
N GLY A 4 19.00 -12.99 -3.06
CA GLY A 4 18.08 -13.93 -2.47
C GLY A 4 16.67 -13.36 -2.27
N VAL A 5 15.71 -14.26 -2.32
CA VAL A 5 14.36 -13.92 -2.08
C VAL A 5 13.77 -15.00 -1.17
N PRO A 6 13.59 -14.65 0.11
CA PRO A 6 12.93 -15.56 1.08
C PRO A 6 11.40 -15.48 0.91
N LYS A 7 10.69 -16.49 1.36
CA LYS A 7 9.25 -16.45 1.32
C LYS A 7 8.72 -15.45 2.43
N GLU A 8 7.68 -14.67 2.11
CA GLU A 8 7.17 -13.72 3.12
C GLU A 8 6.55 -14.55 4.22
N ILE A 9 6.84 -14.22 5.47
CA ILE A 9 6.28 -15.01 6.56
C ILE A 9 5.28 -14.25 7.36
N LYS A 10 5.11 -12.97 7.09
CA LYS A 10 4.08 -12.24 7.83
C LYS A 10 2.68 -12.81 7.57
N ASN A 11 1.85 -12.72 8.57
CA ASN A 11 0.53 -13.28 8.40
C ASN A 11 -0.33 -12.61 7.31
N GLN A 12 -0.81 -13.43 6.37
CA GLN A 12 -1.69 -12.91 5.31
C GLN A 12 -0.93 -12.12 4.23
N GLU A 13 0.38 -12.29 4.19
CA GLU A 13 1.17 -11.63 3.18
C GLU A 13 1.46 -12.71 2.18
N PHE A 14 0.97 -12.50 0.96
CA PHE A 14 1.14 -13.47 -0.12
C PHE A 14 1.95 -13.00 -1.24
N ARG A 15 2.41 -11.75 -1.18
CA ARG A 15 3.19 -11.23 -2.27
C ARG A 15 4.61 -11.76 -2.17
N VAL A 16 5.43 -11.52 -3.19
CA VAL A 16 6.80 -12.00 -3.18
C VAL A 16 7.75 -10.91 -3.70
N GLY A 17 8.98 -10.89 -3.19
CA GLY A 17 9.95 -9.85 -3.58
C GLY A 17 10.19 -9.68 -5.10
N LEU A 18 10.29 -10.78 -5.83
CA LEU A 18 10.50 -10.70 -7.29
C LEU A 18 9.68 -11.71 -8.00
N SER A 19 9.09 -11.30 -9.12
CA SER A 19 8.32 -12.18 -9.96
C SER A 19 9.29 -12.88 -10.92
N PRO A 20 8.77 -13.87 -11.63
CA PRO A 20 9.58 -14.60 -12.60
C PRO A 20 10.12 -13.72 -13.71
N SER A 21 9.32 -12.78 -14.21
CA SER A 21 9.82 -11.88 -15.27
C SER A 21 10.96 -11.01 -14.79
N SER A 22 10.94 -10.63 -13.52
CA SER A 22 12.02 -9.78 -12.98
C SER A 22 13.28 -10.62 -12.87
N VAL A 23 13.11 -11.82 -12.36
CA VAL A 23 14.21 -12.68 -12.18
C VAL A 23 14.97 -12.86 -13.49
N ARG A 24 14.23 -13.23 -14.51
CA ARG A 24 14.77 -13.46 -15.84
C ARG A 24 15.56 -12.27 -16.30
N THR A 25 14.99 -11.10 -16.08
CA THR A 25 15.66 -9.84 -16.46
C THR A 25 16.97 -9.67 -15.71
N LEU A 26 16.94 -10.05 -14.43
CA LEU A 26 18.09 -9.89 -13.58
C LEU A 26 19.17 -10.86 -13.98
N VAL A 27 18.73 -12.03 -14.38
CA VAL A 27 19.65 -13.06 -14.79
C VAL A 27 20.38 -12.66 -16.12
N GLU A 28 19.64 -12.08 -17.03
CA GLU A 28 20.22 -11.62 -18.30
C GLU A 28 21.26 -10.55 -18.15
N ALA A 29 21.35 -9.96 -16.96
CA ALA A 29 22.36 -8.94 -16.71
C ALA A 29 23.58 -9.49 -15.91
N GLY A 30 23.65 -10.83 -15.79
CA GLY A 30 24.75 -11.50 -15.10
C GLY A 30 24.36 -12.08 -13.75
N HIS A 31 23.72 -11.24 -12.95
CA HIS A 31 23.34 -11.62 -11.63
C HIS A 31 22.71 -12.99 -11.48
N THR A 32 22.86 -13.58 -10.30
CA THR A 32 22.26 -14.89 -10.04
C THR A 32 21.29 -14.82 -8.85
N VAL A 33 20.16 -15.45 -8.98
CA VAL A 33 19.10 -15.33 -8.02
C VAL A 33 18.71 -16.61 -7.29
N PHE A 34 18.56 -16.50 -5.97
CA PHE A 34 18.17 -17.65 -5.15
C PHE A 34 16.82 -17.40 -4.46
N ILE A 35 15.87 -18.28 -4.71
CA ILE A 35 14.55 -18.11 -4.16
C ILE A 35 14.09 -19.34 -3.37
N GLU A 36 13.60 -19.08 -2.19
CA GLU A 36 13.13 -20.14 -1.36
C GLU A 36 11.89 -20.80 -2.00
N THR A 37 11.87 -22.12 -1.98
CA THR A 37 10.76 -22.89 -2.48
C THR A 37 9.42 -22.33 -1.97
N GLN A 38 8.39 -22.31 -2.82
CA GLN A 38 7.05 -21.84 -2.42
C GLN A 38 6.98 -20.35 -2.16
N ALA A 39 8.11 -19.64 -2.27
CA ALA A 39 8.07 -18.19 -2.07
C ALA A 39 7.03 -17.50 -2.95
N GLY A 40 6.88 -17.94 -4.22
CA GLY A 40 5.98 -17.30 -5.22
C GLY A 40 4.56 -17.83 -5.23
N ILE A 41 4.39 -18.94 -4.61
CA ILE A 41 3.12 -19.59 -4.63
C ILE A 41 1.79 -18.82 -4.23
N GLY A 42 1.85 -17.93 -3.26
CA GLY A 42 0.64 -17.22 -2.84
C GLY A 42 0.26 -16.18 -3.89
N ALA A 43 1.23 -15.82 -4.73
CA ALA A 43 1.03 -14.82 -5.78
C ALA A 43 0.76 -15.47 -7.11
N GLY A 44 0.77 -16.80 -7.16
CA GLY A 44 0.48 -17.52 -8.39
C GLY A 44 1.69 -17.90 -9.26
N PHE A 45 2.89 -17.85 -8.66
CA PHE A 45 4.13 -18.22 -9.35
C PHE A 45 4.73 -19.49 -8.77
N ALA A 46 4.69 -20.59 -9.52
CA ALA A 46 5.28 -21.84 -9.06
C ALA A 46 6.80 -21.81 -9.22
N ASP A 47 7.48 -22.66 -8.45
CA ASP A 47 8.94 -22.76 -8.52
C ASP A 47 9.42 -23.01 -9.98
N GLN A 48 8.67 -23.84 -10.69
CA GLN A 48 8.98 -24.18 -12.06
C GLN A 48 9.17 -22.91 -12.86
N ASP A 49 8.23 -21.99 -12.69
CA ASP A 49 8.28 -20.71 -13.38
C ASP A 49 9.57 -19.97 -13.03
N TYR A 50 10.03 -20.14 -11.78
CA TYR A 50 11.29 -19.51 -11.38
C TYR A 50 12.47 -20.23 -12.00
N VAL A 51 12.35 -21.51 -12.19
CA VAL A 51 13.42 -22.22 -12.81
C VAL A 51 13.62 -21.82 -14.30
N GLN A 52 12.52 -21.78 -15.07
CA GLN A 52 12.60 -21.41 -16.49
C GLN A 52 13.28 -20.09 -16.66
N ALA A 53 13.11 -19.25 -15.66
CA ALA A 53 13.66 -17.92 -15.72
C ALA A 53 15.17 -17.80 -15.38
N GLY A 54 15.73 -18.83 -14.74
CA GLY A 54 17.17 -18.84 -14.41
C GLY A 54 17.46 -18.79 -12.91
N ALA A 55 16.43 -18.96 -12.12
CA ALA A 55 16.62 -18.92 -10.71
C ALA A 55 17.00 -20.23 -10.21
N GLN A 56 17.79 -20.19 -9.14
CA GLN A 56 18.14 -21.35 -8.38
C GLN A 56 17.14 -21.35 -7.22
N VAL A 57 16.37 -22.41 -7.11
CA VAL A 57 15.38 -22.54 -6.07
C VAL A 57 16.01 -23.18 -4.83
N VAL A 58 15.95 -22.49 -3.71
CA VAL A 58 16.57 -22.93 -2.48
C VAL A 58 15.53 -23.49 -1.49
N PRO A 59 15.92 -24.54 -0.76
CA PRO A 59 15.00 -25.22 0.17
C PRO A 59 14.71 -24.54 1.52
N SER A 60 15.47 -23.52 1.88
CA SER A 60 15.29 -22.90 3.17
C SER A 60 15.45 -21.42 3.11
N ALA A 61 14.81 -20.75 4.06
CA ALA A 61 14.94 -19.30 4.18
C ALA A 61 16.40 -18.92 4.47
N LYS A 62 17.09 -19.76 5.23
CA LYS A 62 18.47 -19.48 5.56
C LYS A 62 19.29 -19.37 4.30
N ASP A 63 18.99 -20.23 3.33
CA ASP A 63 19.69 -20.22 2.03
C ASP A 63 19.34 -18.98 1.21
N ALA A 64 18.20 -18.37 1.51
CA ALA A 64 17.81 -17.18 0.82
C ALA A 64 18.31 -15.90 1.54
N TRP A 65 18.46 -15.94 2.86
CA TRP A 65 18.90 -14.75 3.60
C TRP A 65 20.36 -14.51 3.56
N SER A 66 21.10 -15.57 3.25
CA SER A 66 22.55 -15.59 3.23
C SER A 66 23.25 -14.87 2.07
N ARG A 67 22.51 -14.10 1.30
CA ARG A 67 23.09 -13.43 0.14
C ARG A 67 23.42 -11.96 0.34
N GLU A 68 24.09 -11.37 -0.65
CA GLU A 68 24.56 -10.00 -0.55
C GLU A 68 23.45 -9.01 -0.56
N MET A 69 22.38 -9.37 -1.26
CA MET A 69 21.20 -8.52 -1.36
C MET A 69 20.00 -9.40 -1.10
N VAL A 70 19.16 -8.97 -0.21
CA VAL A 70 17.95 -9.68 0.01
C VAL A 70 16.83 -8.72 -0.48
N VAL A 71 15.93 -9.21 -1.33
CA VAL A 71 14.81 -8.37 -1.85
C VAL A 71 13.52 -8.97 -1.36
N LYS A 72 12.77 -8.17 -0.57
CA LYS A 72 11.51 -8.63 0.10
C LYS A 72 10.38 -7.64 -0.11
N VAL A 73 9.21 -7.99 0.42
CA VAL A 73 8.08 -7.05 0.43
C VAL A 73 7.87 -6.36 1.83
N LYS A 74 7.80 -7.17 2.89
CA LYS A 74 7.57 -6.65 4.26
C LYS A 74 8.85 -6.52 5.08
N GLU A 75 8.73 -5.92 6.24
CA GLU A 75 9.84 -5.82 7.14
C GLU A 75 10.25 -7.18 7.75
N PRO A 76 11.53 -7.32 8.09
CA PRO A 76 11.98 -8.56 8.72
C PRO A 76 11.30 -8.74 10.10
N LEU A 77 11.03 -9.97 10.46
CA LEU A 77 10.40 -10.22 11.72
C LEU A 77 11.39 -10.88 12.68
N PRO A 78 11.08 -10.80 13.95
CA PRO A 78 11.95 -11.34 14.97
C PRO A 78 12.44 -12.75 14.58
N ALA A 79 11.53 -13.61 14.18
CA ALA A 79 11.90 -14.94 13.75
C ALA A 79 13.08 -14.99 12.78
N GLU A 80 13.28 -13.92 12.03
CA GLU A 80 14.38 -13.88 11.03
C GLU A 80 15.57 -13.08 11.47
N TYR A 81 15.52 -12.54 12.66
CA TYR A 81 16.58 -11.66 13.08
C TYR A 81 17.93 -12.31 13.00
N ASP A 82 17.95 -13.61 13.26
CA ASP A 82 19.19 -14.38 13.30
C ASP A 82 19.70 -14.87 11.96
N LEU A 83 18.95 -14.58 10.90
CA LEU A 83 19.34 -14.98 9.55
C LEU A 83 20.02 -13.83 8.83
N MET A 84 19.87 -12.64 9.38
CA MET A 84 20.47 -11.49 8.75
C MET A 84 22.01 -11.56 8.93
N GLN A 85 22.73 -10.91 8.02
CA GLN A 85 24.20 -10.86 8.01
C GLN A 85 24.77 -9.44 7.92
N LYS A 86 26.01 -9.30 8.36
CA LYS A 86 26.67 -8.01 8.46
C LYS A 86 26.85 -7.09 7.30
N ASP A 87 27.04 -7.61 6.12
CA ASP A 87 27.24 -6.68 5.02
C ASP A 87 26.20 -6.68 3.91
N GLN A 88 25.04 -7.25 4.22
CA GLN A 88 23.95 -7.30 3.27
C GLN A 88 23.44 -5.99 2.92
N LEU A 89 22.71 -6.01 1.82
CA LEU A 89 21.91 -4.92 1.38
C LEU A 89 20.50 -5.46 1.58
N LEU A 90 19.67 -4.70 2.28
CA LEU A 90 18.29 -5.10 2.48
C LEU A 90 17.45 -4.04 1.81
N PHE A 91 16.53 -4.51 0.95
CA PHE A 91 15.62 -3.63 0.16
C PHE A 91 14.15 -4.16 0.33
N THR A 92 13.33 -3.42 1.09
CA THR A 92 11.95 -3.84 1.33
C THR A 92 11.24 -2.66 2.02
N TYR A 93 9.97 -2.86 2.35
CA TYR A 93 9.19 -1.86 3.09
C TYR A 93 9.61 -2.08 4.56
N LEU A 94 10.05 -1.01 5.23
CA LEU A 94 10.55 -1.08 6.61
C LEU A 94 9.66 -0.41 7.63
N HIS A 95 9.28 0.84 7.35
CA HIS A 95 8.41 1.62 8.25
C HIS A 95 9.08 1.67 9.65
N LEU A 96 10.35 2.00 9.68
CA LEU A 96 11.10 2.07 10.92
C LEU A 96 10.55 3.00 12.02
N ALA A 97 9.98 4.16 11.66
CA ALA A 97 9.47 5.13 12.67
C ALA A 97 8.34 4.56 13.52
N ALA A 98 8.07 3.28 13.33
CA ALA A 98 7.04 2.59 14.04
C ALA A 98 7.55 1.31 14.78
N ALA A 99 8.82 0.94 14.52
CA ALA A 99 9.45 -0.29 15.11
C ALA A 99 10.80 -0.02 15.72
N ARG A 100 10.78 0.42 16.96
CA ARG A 100 11.98 0.71 17.67
C ARG A 100 12.92 -0.47 17.62
N GLU A 101 12.39 -1.66 17.99
CA GLU A 101 13.20 -2.91 18.07
C GLU A 101 13.82 -3.31 16.75
N LEU A 102 13.03 -3.23 15.70
CA LEU A 102 13.50 -3.59 14.42
C LEU A 102 14.61 -2.67 14.15
N THR A 103 14.38 -1.37 14.37
CA THR A 103 15.43 -0.36 14.10
C THR A 103 16.74 -0.64 14.81
N GLU A 104 16.65 -1.04 16.08
CA GLU A 104 17.85 -1.30 16.88
C GLU A 104 18.53 -2.48 16.35
N GLN A 105 17.71 -3.49 16.10
CA GLN A 105 18.14 -4.77 15.53
C GLN A 105 18.97 -4.63 14.25
N LEU A 106 18.54 -3.77 13.33
CA LEU A 106 19.29 -3.59 12.08
C LEU A 106 20.57 -2.81 12.39
N MET A 107 20.50 -1.98 13.43
CA MET A 107 21.66 -1.26 13.86
C MET A 107 22.70 -2.20 14.42
N ARG A 108 22.30 -3.12 15.28
CA ARG A 108 23.29 -4.06 15.83
C ARG A 108 24.00 -4.77 14.70
N VAL A 109 23.24 -5.51 13.92
CA VAL A 109 23.79 -6.27 12.81
C VAL A 109 24.77 -5.48 11.89
N GLY A 110 24.42 -4.29 11.44
CA GLY A 110 25.37 -3.55 10.61
C GLY A 110 25.21 -3.61 9.07
N LEU A 111 24.14 -4.20 8.55
CA LEU A 111 23.89 -4.13 7.09
C LEU A 111 23.40 -2.72 6.67
N THR A 112 23.18 -2.53 5.39
CA THR A 112 22.64 -1.29 4.95
C THR A 112 21.23 -1.62 4.52
N ALA A 113 20.29 -0.84 5.02
CA ALA A 113 18.93 -1.09 4.75
C ALA A 113 18.33 0.08 4.06
N ILE A 114 17.71 -0.25 2.92
CA ILE A 114 17.04 0.70 2.06
C ILE A 114 15.51 0.41 2.10
N ALA A 115 14.70 1.42 2.46
CA ALA A 115 13.25 1.30 2.57
C ALA A 115 12.61 1.70 1.27
N TYR A 116 11.71 0.89 0.74
CA TYR A 116 11.01 1.26 -0.50
C TYR A 116 10.30 2.62 -0.31
N GLU A 117 9.71 2.79 0.86
CA GLU A 117 8.86 3.92 1.12
C GLU A 117 9.52 5.27 1.26
N THR A 118 10.87 5.34 1.28
CA THR A 118 11.55 6.65 1.44
C THR A 118 12.35 7.07 0.25
N VAL A 119 12.48 6.15 -0.72
CA VAL A 119 13.13 6.46 -2.00
C VAL A 119 12.20 7.53 -2.61
N GLU A 120 12.72 8.76 -2.72
CA GLU A 120 11.92 9.88 -3.15
C GLU A 120 12.53 10.73 -4.21
N LEU A 121 11.70 11.21 -5.12
CA LEU A 121 12.18 12.02 -6.24
C LEU A 121 12.27 13.50 -5.89
N PRO A 122 12.84 14.28 -6.79
CA PRO A 122 12.97 15.72 -6.55
C PRO A 122 11.61 16.36 -6.23
N ASN A 123 10.56 15.85 -6.87
CA ASN A 123 9.19 16.30 -6.63
C ASN A 123 8.65 15.90 -5.27
N ARG A 124 9.37 15.03 -4.60
CA ARG A 124 8.90 14.47 -3.37
C ARG A 124 7.81 13.40 -3.59
N SER A 125 7.72 12.90 -4.82
CA SER A 125 6.84 11.80 -5.09
C SER A 125 7.64 10.56 -4.55
N LEU A 126 6.90 9.55 -4.10
CA LEU A 126 7.44 8.31 -3.56
C LEU A 126 7.10 7.21 -4.56
N PRO A 127 7.90 7.11 -5.59
CA PRO A 127 7.63 6.21 -6.69
C PRO A 127 7.33 4.76 -6.33
N LEU A 128 7.75 4.32 -5.16
CA LEU A 128 7.57 2.91 -4.80
C LEU A 128 6.35 2.61 -3.94
N LEU A 129 5.58 3.64 -3.66
CA LEU A 129 4.36 3.56 -2.91
C LEU A 129 3.16 3.69 -3.85
N THR A 130 3.30 4.55 -4.84
CA THR A 130 2.20 4.81 -5.75
C THR A 130 1.49 3.60 -6.30
N PRO A 131 2.24 2.59 -6.68
CA PRO A 131 1.63 1.42 -7.27
C PRO A 131 0.62 0.83 -6.29
N MET A 132 0.93 0.83 -5.01
CA MET A 132 0.02 0.27 -4.05
C MET A 132 -1.14 1.18 -3.80
N SER A 133 -0.90 2.47 -3.88
CA SER A 133 -2.00 3.44 -3.66
C SER A 133 -3.06 3.30 -4.77
N ILE A 134 -2.62 3.09 -6.01
CA ILE A 134 -3.55 2.90 -7.13
C ILE A 134 -4.47 1.68 -6.90
N ILE A 135 -3.86 0.57 -6.48
CA ILE A 135 -4.62 -0.65 -6.22
C ILE A 135 -5.58 -0.51 -5.09
N ALA A 136 -5.14 0.16 -4.04
CA ALA A 136 -6.00 0.36 -2.92
C ALA A 136 -7.25 1.18 -3.32
N GLY A 137 -7.07 2.21 -4.16
CA GLY A 137 -8.19 3.08 -4.63
C GLY A 137 -9.20 2.23 -5.37
N ARG A 138 -8.70 1.40 -6.28
CA ARG A 138 -9.58 0.50 -7.04
C ARG A 138 -10.30 -0.54 -6.16
N LEU A 139 -9.63 -1.07 -5.14
CA LEU A 139 -10.25 -2.06 -4.31
C LEU A 139 -11.32 -1.49 -3.41
N SER A 140 -11.15 -0.23 -3.03
CA SER A 140 -12.08 0.34 -2.08
C SER A 140 -13.50 0.20 -2.53
N VAL A 141 -13.73 0.38 -3.82
CA VAL A 141 -15.08 0.26 -4.37
C VAL A 141 -15.60 -1.20 -4.43
N GLN A 142 -14.68 -2.13 -4.71
CA GLN A 142 -14.96 -3.57 -4.80
C GLN A 142 -15.36 -4.07 -3.43
N PHE A 143 -14.62 -3.68 -2.39
CA PHE A 143 -15.02 -4.04 -1.01
C PHE A 143 -16.32 -3.38 -0.61
N GLY A 144 -16.45 -2.11 -0.94
CA GLY A 144 -17.63 -1.35 -0.57
C GLY A 144 -18.88 -1.99 -1.12
N ALA A 145 -18.81 -2.44 -2.37
CA ALA A 145 -19.96 -3.05 -3.03
C ALA A 145 -20.38 -4.33 -2.31
N ARG A 146 -19.40 -5.08 -1.89
CA ARG A 146 -19.63 -6.31 -1.21
C ARG A 146 -20.34 -6.11 0.14
N PHE A 147 -19.94 -5.10 0.88
CA PHE A 147 -20.55 -4.87 2.14
C PHE A 147 -21.90 -4.19 2.11
N LEU A 148 -22.29 -3.68 0.94
CA LEU A 148 -23.63 -3.12 0.76
C LEU A 148 -24.70 -4.26 0.51
N GLU A 149 -24.22 -5.51 0.27
CA GLU A 149 -25.11 -6.65 0.05
C GLU A 149 -25.76 -6.96 1.39
N ARG A 150 -27.03 -7.33 1.36
CA ARG A 150 -27.72 -7.56 2.60
C ARG A 150 -27.07 -8.64 3.51
N GLN A 151 -26.63 -9.75 2.93
CA GLN A 151 -26.06 -10.84 3.70
C GLN A 151 -24.76 -10.47 4.32
N GLN A 152 -24.10 -9.48 3.73
CA GLN A 152 -22.81 -9.00 4.22
C GLN A 152 -23.03 -7.95 5.31
N GLY A 153 -24.28 -7.52 5.47
CA GLY A 153 -24.64 -6.56 6.48
C GLY A 153 -25.19 -5.21 6.06
N GLY A 154 -25.07 -4.87 4.77
CA GLY A 154 -25.47 -3.56 4.26
C GLY A 154 -26.95 -3.52 4.03
N ARG A 155 -27.37 -2.31 3.56
CA ARG A 155 -28.79 -2.07 3.23
C ARG A 155 -29.37 -2.92 2.01
N GLY A 156 -28.52 -3.49 1.18
CA GLY A 156 -28.93 -4.28 0.00
C GLY A 156 -29.13 -3.36 -1.23
N VAL A 157 -28.08 -2.63 -1.60
CA VAL A 157 -28.17 -1.69 -2.74
C VAL A 157 -27.20 -2.11 -3.81
N LEU A 158 -27.67 -2.10 -5.06
CA LEU A 158 -26.80 -2.38 -6.20
C LEU A 158 -26.27 -0.96 -6.62
N LEU A 159 -24.95 -0.79 -6.71
CA LEU A 159 -24.41 0.55 -7.02
C LEU A 159 -24.95 1.18 -8.28
N GLY A 160 -25.05 0.38 -9.33
CA GLY A 160 -25.53 0.87 -10.62
C GLY A 160 -27.05 1.00 -10.72
N GLY A 161 -27.83 0.41 -9.81
CA GLY A 161 -29.28 0.46 -9.90
C GLY A 161 -29.69 -0.31 -11.20
N VAL A 162 -30.89 -0.04 -11.69
CA VAL A 162 -31.37 -0.60 -12.97
C VAL A 162 -32.26 0.53 -13.53
N PRO A 163 -32.48 0.55 -14.83
CA PRO A 163 -33.28 1.63 -15.38
C PRO A 163 -34.60 1.65 -14.67
N GLY A 164 -34.97 2.80 -14.16
CA GLY A 164 -36.21 2.98 -13.42
C GLY A 164 -35.95 3.05 -11.89
N VAL A 165 -34.78 2.59 -11.45
CA VAL A 165 -34.48 2.58 -10.01
C VAL A 165 -33.24 3.46 -9.75
N LYS A 166 -33.21 4.17 -8.61
CA LYS A 166 -32.05 5.03 -8.22
C LYS A 166 -30.74 4.25 -8.10
N PRO A 167 -29.64 4.77 -8.63
CA PRO A 167 -28.34 4.13 -8.41
C PRO A 167 -27.85 4.47 -6.99
N GLY A 168 -26.77 3.80 -6.58
CA GLY A 168 -26.18 4.06 -5.27
C GLY A 168 -25.39 5.38 -5.35
N LYS A 169 -25.19 6.03 -4.21
CA LYS A 169 -24.41 7.26 -4.15
C LYS A 169 -23.12 6.99 -3.45
N VAL A 170 -22.03 7.36 -4.10
CA VAL A 170 -20.71 7.19 -3.54
C VAL A 170 -20.10 8.58 -3.32
N VAL A 171 -19.62 8.82 -2.11
CA VAL A 171 -19.02 10.08 -1.74
C VAL A 171 -17.54 9.80 -1.43
N ILE A 172 -16.67 10.51 -2.11
CA ILE A 172 -15.26 10.30 -1.94
C ILE A 172 -14.59 11.56 -1.35
N LEU A 173 -13.93 11.40 -0.20
CA LEU A 173 -13.27 12.53 0.45
C LEU A 173 -11.77 12.45 0.06
N GLY A 174 -11.32 13.37 -0.81
CA GLY A 174 -9.91 13.35 -1.27
C GLY A 174 -9.90 13.11 -2.76
N GLY A 175 -9.28 14.01 -3.50
CA GLY A 175 -9.22 13.94 -4.99
C GLY A 175 -7.86 13.55 -5.56
N GLY A 176 -7.00 13.01 -4.70
CA GLY A 176 -5.69 12.55 -5.18
C GLY A 176 -5.73 11.18 -5.90
N VAL A 177 -4.57 10.55 -6.03
CA VAL A 177 -4.43 9.24 -6.68
C VAL A 177 -5.47 8.17 -6.23
N VAL A 178 -5.56 7.97 -4.93
CA VAL A 178 -6.49 7.02 -4.35
C VAL A 178 -7.91 7.37 -4.69
N GLY A 179 -8.26 8.62 -4.48
CA GLY A 179 -9.63 9.06 -4.67
C GLY A 179 -9.99 9.03 -6.12
N THR A 180 -9.03 9.35 -6.97
CA THR A 180 -9.33 9.27 -8.35
C THR A 180 -9.52 7.81 -8.92
N GLU A 181 -8.71 6.84 -8.46
CA GLU A 181 -8.86 5.47 -8.88
C GLU A 181 -10.15 4.92 -8.37
N ALA A 182 -10.53 5.34 -7.17
CA ALA A 182 -11.82 4.90 -6.62
C ALA A 182 -13.01 5.39 -7.50
N ALA A 183 -12.98 6.67 -7.89
CA ALA A 183 -14.04 7.26 -8.73
C ALA A 183 -14.20 6.53 -10.07
N LYS A 184 -13.07 6.11 -10.64
CA LYS A 184 -13.04 5.39 -11.87
C LYS A 184 -13.85 4.12 -11.72
N MET A 185 -13.66 3.41 -10.62
CA MET A 185 -14.40 2.17 -10.42
C MET A 185 -15.85 2.38 -10.15
N ALA A 186 -16.16 3.40 -9.37
CA ALA A 186 -17.55 3.64 -9.03
C ALA A 186 -18.29 4.09 -10.23
N VAL A 187 -17.68 4.93 -11.00
CA VAL A 187 -18.36 5.37 -12.19
C VAL A 187 -18.55 4.15 -13.09
N GLY A 188 -17.58 3.26 -13.10
CA GLY A 188 -17.64 2.04 -13.92
C GLY A 188 -18.83 1.08 -13.58
N LEU A 189 -19.18 1.02 -12.31
CA LEU A 189 -20.32 0.24 -11.85
C LEU A 189 -21.71 0.97 -12.02
N GLY A 190 -21.69 2.26 -12.43
CA GLY A 190 -22.88 3.00 -12.70
C GLY A 190 -23.35 3.85 -11.56
N ALA A 191 -22.53 4.02 -10.55
CA ALA A 191 -22.98 4.77 -9.37
C ALA A 191 -23.03 6.26 -9.67
N GLN A 192 -23.72 7.00 -8.77
CA GLN A 192 -23.71 8.50 -8.80
C GLN A 192 -22.52 8.85 -7.87
N VAL A 193 -21.59 9.69 -8.36
CA VAL A 193 -20.34 9.99 -7.63
C VAL A 193 -20.04 11.48 -7.34
N GLN A 194 -19.61 11.75 -6.10
CA GLN A 194 -19.20 13.07 -5.70
C GLN A 194 -17.81 12.96 -5.17
N ILE A 195 -16.93 13.88 -5.55
CA ILE A 195 -15.55 13.90 -5.01
C ILE A 195 -15.32 15.26 -4.37
N PHE A 196 -14.73 15.28 -3.19
CA PHE A 196 -14.46 16.54 -2.53
C PHE A 196 -12.98 16.70 -2.48
N ASP A 197 -12.51 17.92 -2.66
CA ASP A 197 -11.11 18.19 -2.45
C ASP A 197 -10.90 19.67 -2.09
N ILE A 198 -9.80 20.00 -1.43
CA ILE A 198 -9.55 21.41 -1.07
C ILE A 198 -8.74 22.12 -2.14
N ASN A 199 -8.22 21.38 -3.12
CA ASN A 199 -7.43 21.98 -4.17
C ASN A 199 -8.23 22.14 -5.46
N VAL A 200 -8.55 23.37 -5.80
CA VAL A 200 -9.35 23.61 -7.00
C VAL A 200 -8.64 23.18 -8.33
N GLU A 201 -7.35 23.35 -8.35
CA GLU A 201 -6.56 23.00 -9.47
C GLU A 201 -6.66 21.49 -9.68
N ARG A 202 -6.69 20.75 -8.58
CA ARG A 202 -6.84 19.32 -8.66
C ARG A 202 -8.21 19.06 -9.22
N LEU A 203 -9.23 19.79 -8.70
CA LEU A 203 -10.66 19.64 -9.19
C LEU A 203 -10.76 19.91 -10.67
N SER A 204 -10.03 20.92 -11.12
CA SER A 204 -9.96 21.28 -12.51
C SER A 204 -9.33 20.14 -13.37
N TYR A 205 -8.25 19.56 -12.90
CA TYR A 205 -7.65 18.47 -13.63
C TYR A 205 -8.62 17.26 -13.73
N LEU A 206 -9.35 17.00 -12.64
CA LEU A 206 -10.29 15.87 -12.63
C LEU A 206 -11.39 16.03 -13.63
N GLU A 207 -11.77 17.25 -13.93
CA GLU A 207 -12.79 17.45 -14.93
C GLU A 207 -12.29 17.02 -16.29
N THR A 208 -10.98 17.09 -16.53
CA THR A 208 -10.42 16.66 -17.82
C THR A 208 -10.49 15.12 -17.92
N LEU A 209 -10.55 14.44 -16.78
CA LEU A 209 -10.67 12.99 -16.77
C LEU A 209 -12.11 12.54 -16.87
N PHE A 210 -12.99 13.16 -16.11
CA PHE A 210 -14.39 12.70 -16.02
C PHE A 210 -15.47 13.51 -16.76
N GLY A 211 -15.12 14.69 -17.26
CA GLY A 211 -16.12 15.54 -17.87
C GLY A 211 -17.18 15.83 -16.78
N SER A 212 -18.44 15.88 -17.18
CA SER A 212 -19.53 16.18 -16.22
C SER A 212 -20.24 14.92 -15.61
N ARG A 213 -19.60 13.78 -15.70
CA ARG A 213 -20.16 12.56 -15.23
C ARG A 213 -20.10 12.45 -13.70
N VAL A 214 -19.15 13.14 -13.10
CA VAL A 214 -18.95 13.08 -11.64
C VAL A 214 -19.17 14.47 -11.02
N GLU A 215 -19.68 14.59 -9.78
CA GLU A 215 -19.76 15.93 -9.14
C GLU A 215 -18.44 16.26 -8.44
N LEU A 216 -17.83 17.36 -8.85
CA LEU A 216 -16.54 17.84 -8.34
C LEU A 216 -16.77 19.05 -7.41
N LEU A 217 -16.62 18.81 -6.10
CA LEU A 217 -16.95 19.78 -5.06
C LEU A 217 -15.80 20.18 -4.11
N TYR A 218 -15.80 21.46 -3.76
CA TYR A 218 -14.80 22.02 -2.82
C TYR A 218 -15.07 21.53 -1.41
N SER A 219 -14.05 21.06 -0.71
CA SER A 219 -14.33 20.56 0.62
C SER A 219 -14.56 21.59 1.71
N ASN A 220 -15.81 21.85 1.98
CA ASN A 220 -16.16 22.69 3.06
C ASN A 220 -17.19 21.96 3.86
N SER A 221 -17.10 22.18 5.17
CA SER A 221 -17.95 21.55 6.18
C SER A 221 -19.38 21.45 5.83
N ALA A 222 -19.93 22.56 5.39
CA ALA A 222 -21.33 22.58 5.04
C ALA A 222 -21.76 21.54 3.94
N GLU A 223 -21.00 21.46 2.85
CA GLU A 223 -21.35 20.57 1.77
C GLU A 223 -21.09 19.14 2.10
N ILE A 224 -20.05 18.92 2.89
CA ILE A 224 -19.67 17.60 3.35
C ILE A 224 -20.78 16.97 4.15
N GLU A 225 -21.39 17.79 5.01
CA GLU A 225 -22.43 17.29 5.89
C GLU A 225 -23.62 16.78 5.13
N THR A 226 -24.04 17.54 4.15
CA THR A 226 -25.18 17.18 3.34
C THR A 226 -24.88 15.92 2.52
N ALA A 227 -23.75 15.94 1.84
CA ALA A 227 -23.39 14.85 1.01
C ALA A 227 -23.35 13.58 1.80
N VAL A 228 -22.58 13.62 2.86
CA VAL A 228 -22.39 12.45 3.67
C VAL A 228 -23.67 11.86 4.21
N ALA A 229 -24.59 12.71 4.59
CA ALA A 229 -25.83 12.24 5.12
C ALA A 229 -26.62 11.39 4.07
N GLU A 230 -26.40 11.65 2.80
CA GLU A 230 -27.13 10.95 1.75
C GLU A 230 -26.41 9.71 1.13
N ALA A 231 -25.15 9.48 1.53
CA ALA A 231 -24.31 8.42 0.95
C ALA A 231 -24.69 6.98 1.25
N ASP A 232 -24.43 6.08 0.30
CA ASP A 232 -24.62 4.66 0.54
C ASP A 232 -23.23 4.14 0.86
N LEU A 233 -22.19 4.73 0.19
CA LEU A 233 -20.78 4.31 0.34
C LEU A 233 -19.93 5.51 0.53
N LEU A 234 -19.23 5.58 1.65
CA LEU A 234 -18.36 6.70 1.92
C LEU A 234 -16.96 6.17 1.90
N ILE A 235 -16.14 6.82 1.11
CA ILE A 235 -14.74 6.42 0.98
C ILE A 235 -13.79 7.56 1.45
N GLY A 236 -12.99 7.28 2.50
CA GLY A 236 -11.96 8.19 2.98
C GLY A 236 -10.66 7.96 2.16
N ALA A 237 -10.22 9.01 1.43
CA ALA A 237 -9.06 8.92 0.54
C ALA A 237 -8.07 10.03 0.74
N VAL A 238 -7.97 10.51 1.96
CA VAL A 238 -6.98 11.52 2.32
C VAL A 238 -5.83 10.75 2.96
N LEU A 239 -4.87 10.36 2.13
CA LEU A 239 -3.77 9.57 2.58
C LEU A 239 -2.49 10.38 2.51
N VAL A 240 -2.46 11.43 3.33
CA VAL A 240 -1.31 12.31 3.48
C VAL A 240 -0.24 11.58 4.34
N PRO A 241 0.75 11.04 3.59
CA PRO A 241 1.79 10.12 4.04
C PRO A 241 2.69 10.41 5.22
N GLY A 242 2.25 11.25 6.13
CA GLY A 242 3.04 11.53 7.32
C GLY A 242 2.12 11.48 8.50
N ARG A 243 1.53 12.63 8.82
CA ARG A 243 0.61 12.72 9.94
C ARG A 243 -0.84 12.44 9.62
N ARG A 244 -1.55 12.05 10.67
CA ARG A 244 -2.95 11.76 10.58
C ARG A 244 -3.77 12.88 9.90
N ALA A 245 -4.92 12.49 9.40
CA ALA A 245 -5.77 13.42 8.75
C ALA A 245 -6.74 14.02 9.74
N PRO A 246 -7.11 15.25 9.45
CA PRO A 246 -8.11 16.00 10.19
C PRO A 246 -9.35 15.21 9.99
N ILE A 247 -10.22 15.31 10.94
CA ILE A 247 -11.39 14.55 10.90
C ILE A 247 -12.32 15.35 10.09
N LEU A 248 -12.76 14.77 8.99
CA LEU A 248 -13.69 15.43 8.09
C LEU A 248 -15.01 14.89 8.44
N VAL A 249 -14.99 13.65 8.96
CA VAL A 249 -16.22 12.95 9.35
C VAL A 249 -16.27 12.55 10.82
N PRO A 250 -16.92 13.41 11.57
CA PRO A 250 -17.09 13.22 13.00
C PRO A 250 -18.23 12.24 13.33
N ALA A 251 -18.12 11.65 14.49
CA ALA A 251 -19.11 10.70 14.89
C ALA A 251 -20.51 11.24 14.77
N SER A 252 -20.68 12.54 14.98
CA SER A 252 -22.01 13.16 14.91
C SER A 252 -22.54 13.08 13.50
N LEU A 253 -21.62 13.13 12.54
CA LEU A 253 -21.99 13.07 11.17
C LEU A 253 -22.35 11.65 10.89
N VAL A 254 -21.59 10.74 11.42
CA VAL A 254 -21.93 9.38 11.19
C VAL A 254 -23.27 8.90 11.69
N GLU A 255 -23.75 9.53 12.75
CA GLU A 255 -25.06 9.20 13.34
C GLU A 255 -26.17 9.64 12.43
N GLN A 256 -25.84 10.54 11.53
CA GLN A 256 -26.79 11.08 10.60
C GLN A 256 -26.90 10.26 9.31
N MET A 257 -26.02 9.27 9.13
CA MET A 257 -26.06 8.44 7.91
C MET A 257 -27.18 7.36 7.97
N ARG A 258 -27.59 6.86 6.80
CA ARG A 258 -28.62 5.82 6.73
C ARG A 258 -28.07 4.52 7.29
N THR A 259 -28.96 3.69 7.81
CA THR A 259 -28.59 2.36 8.32
C THR A 259 -28.24 1.39 7.15
N GLY A 260 -27.12 0.70 7.27
CA GLY A 260 -26.72 -0.22 6.21
C GLY A 260 -25.82 0.47 5.16
N SER A 261 -25.44 1.71 5.47
CA SER A 261 -24.49 2.48 4.68
C SER A 261 -23.14 1.90 5.02
N VAL A 262 -22.16 2.09 4.13
CA VAL A 262 -20.82 1.62 4.39
C VAL A 262 -19.69 2.63 4.31
N ILE A 263 -18.73 2.48 5.22
CA ILE A 263 -17.58 3.36 5.22
C ILE A 263 -16.34 2.56 5.06
N VAL A 264 -15.48 3.02 4.18
CA VAL A 264 -14.17 2.42 3.96
C VAL A 264 -13.16 3.60 4.03
N ASP A 265 -12.09 3.45 4.77
CA ASP A 265 -11.12 4.54 4.83
C ASP A 265 -9.84 3.97 4.51
N VAL A 266 -9.32 4.40 3.41
CA VAL A 266 -8.06 3.93 2.96
C VAL A 266 -6.87 4.25 3.92
N ALA A 267 -7.00 5.30 4.71
CA ALA A 267 -5.93 5.68 5.59
C ALA A 267 -6.02 5.04 7.01
N VAL A 268 -6.81 3.94 7.19
CA VAL A 268 -7.01 3.32 8.56
C VAL A 268 -5.78 3.05 9.42
N ASP A 269 -4.76 2.41 8.86
CA ASP A 269 -3.56 2.05 9.63
C ASP A 269 -2.74 3.24 10.08
N GLN A 270 -2.85 4.33 9.33
CA GLN A 270 -2.09 5.57 9.58
C GLN A 270 -2.90 6.58 10.40
N GLY A 271 -4.23 6.50 10.25
CA GLY A 271 -5.18 7.41 10.91
C GLY A 271 -6.07 8.12 9.83
N GLY A 272 -7.39 7.87 9.86
CA GLY A 272 -8.31 8.42 8.84
C GLY A 272 -9.03 9.75 9.13
N CYS A 273 -9.86 10.18 8.17
CA CYS A 273 -10.61 11.44 8.29
C CYS A 273 -12.00 11.16 8.86
N VAL A 274 -12.24 9.87 9.22
CA VAL A 274 -13.50 9.43 9.83
C VAL A 274 -13.27 9.05 11.29
N GLU A 275 -13.88 9.80 12.16
CA GLU A 275 -13.68 9.61 13.57
C GLU A 275 -13.80 8.20 14.10
N THR A 276 -14.89 7.52 13.74
CA THR A 276 -15.29 6.19 14.29
C THR A 276 -14.61 4.94 13.76
N LEU A 277 -13.83 5.11 12.70
CA LEU A 277 -13.15 4.02 12.04
C LEU A 277 -11.76 3.67 12.64
N HIS A 278 -11.60 2.39 13.02
CA HIS A 278 -10.33 1.88 13.55
C HIS A 278 -10.03 0.54 12.87
N PRO A 279 -8.76 0.11 12.91
CA PRO A 279 -8.41 -1.15 12.22
C PRO A 279 -9.13 -2.34 12.79
N THR A 280 -9.38 -3.31 11.94
CA THR A 280 -10.06 -4.55 12.33
C THR A 280 -9.20 -5.70 11.81
N SER A 281 -9.55 -6.93 12.18
CA SER A 281 -8.84 -8.12 11.69
C SER A 281 -9.52 -8.81 10.50
N HIS A 282 -8.78 -9.66 9.82
CA HIS A 282 -9.35 -10.43 8.72
C HIS A 282 -10.56 -11.27 9.16
N THR A 283 -10.47 -11.75 10.39
CA THR A 283 -11.48 -12.61 10.94
C THR A 283 -12.79 -11.90 11.22
N GLN A 284 -12.69 -10.62 11.51
CA GLN A 284 -13.85 -9.80 11.77
C GLN A 284 -13.60 -8.47 11.13
N PRO A 285 -13.72 -8.45 9.80
CA PRO A 285 -13.38 -7.28 9.00
C PRO A 285 -14.18 -6.02 9.29
N THR A 286 -15.42 -6.18 9.70
CA THR A 286 -16.28 -5.02 9.92
C THR A 286 -16.96 -4.93 11.26
N TYR A 287 -17.48 -3.75 11.58
CA TYR A 287 -18.27 -3.56 12.77
C TYR A 287 -19.25 -2.42 12.48
N GLU A 288 -20.30 -2.36 13.30
CA GLU A 288 -21.35 -1.35 13.19
C GLU A 288 -21.28 -0.30 14.25
N VAL A 289 -21.60 0.90 13.85
CA VAL A 289 -21.67 2.00 14.74
C VAL A 289 -22.83 2.80 14.15
N PHE A 290 -23.93 2.84 14.89
CA PHE A 290 -25.13 3.55 14.44
C PHE A 290 -25.82 2.84 13.30
N GLY A 291 -25.58 1.54 13.17
CA GLY A 291 -26.18 0.79 12.08
C GLY A 291 -25.40 1.00 10.78
N VAL A 292 -24.27 1.69 10.89
CA VAL A 292 -23.43 1.97 9.72
C VAL A 292 -22.23 1.04 9.77
N VAL A 293 -22.03 0.32 8.67
CA VAL A 293 -21.01 -0.67 8.57
C VAL A 293 -19.63 -0.12 8.37
N HIS A 294 -18.70 -0.54 9.21
CA HIS A 294 -17.32 -0.09 9.09
C HIS A 294 -16.40 -1.21 8.70
N TYR A 295 -15.66 -1.00 7.61
CA TYR A 295 -14.64 -1.94 7.16
C TYR A 295 -13.29 -1.33 7.49
N GLY A 296 -12.49 -2.03 8.32
CA GLY A 296 -11.19 -1.49 8.76
C GLY A 296 -9.96 -2.37 8.52
N VAL A 297 -10.06 -3.30 7.60
CA VAL A 297 -8.93 -4.19 7.35
C VAL A 297 -7.87 -3.46 6.50
N PRO A 298 -6.63 -3.46 6.97
CA PRO A 298 -5.58 -2.74 6.30
C PRO A 298 -4.83 -3.56 5.27
N ASN A 299 -3.97 -2.85 4.54
CA ASN A 299 -3.22 -3.44 3.47
C ASN A 299 -4.17 -4.04 2.40
N MET A 300 -4.97 -3.20 1.79
CA MET A 300 -5.89 -3.68 0.81
C MET A 300 -5.26 -4.43 -0.31
N PRO A 301 -4.14 -3.95 -0.84
CA PRO A 301 -3.47 -4.62 -1.98
C PRO A 301 -3.07 -6.06 -1.75
N GLY A 302 -3.02 -6.47 -0.49
CA GLY A 302 -2.65 -7.87 -0.19
C GLY A 302 -3.68 -8.91 -0.71
N ALA A 303 -4.88 -8.43 -1.08
CA ALA A 303 -5.96 -9.27 -1.60
C ALA A 303 -5.74 -9.70 -3.01
N VAL A 304 -4.87 -8.98 -3.73
CA VAL A 304 -4.56 -9.29 -5.11
C VAL A 304 -3.03 -9.40 -5.36
N PRO A 305 -2.42 -10.41 -4.73
CA PRO A 305 -0.96 -10.59 -4.79
C PRO A 305 -0.38 -10.79 -6.16
N TRP A 306 -1.14 -11.41 -7.06
CA TRP A 306 -0.65 -11.62 -8.42
C TRP A 306 -0.48 -10.23 -9.07
N THR A 307 -1.55 -9.44 -9.06
CA THR A 307 -1.48 -8.11 -9.64
C THR A 307 -0.49 -7.23 -8.90
N ALA A 308 -0.58 -7.22 -7.56
CA ALA A 308 0.27 -6.39 -6.68
C ALA A 308 1.78 -6.63 -6.78
N THR A 309 2.20 -7.88 -6.90
CA THR A 309 3.63 -8.22 -7.06
C THR A 309 4.23 -7.65 -8.39
N GLN A 310 3.52 -7.80 -9.50
CA GLN A 310 4.01 -7.28 -10.72
C GLN A 310 4.06 -5.77 -10.70
N ALA A 311 3.00 -5.15 -10.14
CA ALA A 311 2.96 -3.70 -10.11
C ALA A 311 4.12 -3.17 -9.33
N LEU A 312 4.42 -3.80 -8.21
CA LEU A 312 5.51 -3.34 -7.37
C LEU A 312 6.84 -3.53 -8.12
N ASN A 313 7.02 -4.70 -8.68
CA ASN A 313 8.23 -4.98 -9.43
C ASN A 313 8.48 -4.05 -10.61
N ASN A 314 7.44 -3.64 -11.30
CA ASN A 314 7.66 -2.77 -12.43
C ASN A 314 8.35 -1.51 -11.96
N SER A 315 8.09 -1.14 -10.72
CA SER A 315 8.67 0.07 -10.19
C SER A 315 10.02 -0.13 -9.49
N THR A 316 10.18 -1.23 -8.76
CA THR A 316 11.42 -1.48 -8.01
C THR A 316 12.54 -1.98 -8.87
N LEU A 317 12.16 -2.68 -9.91
CA LEU A 317 13.10 -3.29 -10.77
C LEU A 317 14.31 -2.47 -11.18
N PRO A 318 14.12 -1.29 -11.77
CA PRO A 318 15.30 -0.52 -12.18
C PRO A 318 16.21 -0.22 -11.00
N TYR A 319 15.67 -0.18 -9.80
CA TYR A 319 16.50 0.05 -8.63
C TYR A 319 17.26 -1.16 -8.19
N VAL A 320 16.61 -2.31 -8.25
CA VAL A 320 17.24 -3.55 -7.90
C VAL A 320 18.47 -3.78 -8.81
N VAL A 321 18.28 -3.55 -10.10
CA VAL A 321 19.37 -3.73 -11.08
C VAL A 321 20.56 -2.77 -10.84
N LYS A 322 20.25 -1.52 -10.54
CA LYS A 322 21.27 -0.50 -10.26
C LYS A 322 22.08 -0.97 -9.06
N LEU A 323 21.39 -1.48 -8.04
CA LEU A 323 22.05 -1.94 -6.82
C LEU A 323 22.88 -3.18 -7.08
N ALA A 324 22.36 -4.09 -7.89
CA ALA A 324 23.11 -5.29 -8.17
C ALA A 324 24.39 -5.00 -9.00
N ASN A 325 24.32 -3.98 -9.86
CA ASN A 325 25.45 -3.60 -10.70
C ASN A 325 26.52 -2.79 -9.97
N GLN A 326 26.09 -1.73 -9.30
CA GLN A 326 27.01 -0.78 -8.66
C GLN A 326 27.21 -0.97 -7.19
N GLY A 327 26.45 -1.89 -6.61
CA GLY A 327 26.52 -2.11 -5.18
C GLY A 327 26.27 -0.75 -4.52
N LEU A 328 27.00 -0.49 -3.46
CA LEU A 328 26.83 0.74 -2.68
C LEU A 328 27.11 2.13 -3.35
N LYS A 329 27.60 2.11 -4.59
CA LYS A 329 27.93 3.36 -5.26
C LYS A 329 26.73 4.03 -5.83
N ALA A 330 25.70 3.22 -6.08
CA ALA A 330 24.44 3.67 -6.65
C ALA A 330 23.81 4.75 -5.79
N LEU A 331 24.13 4.72 -4.51
CA LEU A 331 23.62 5.70 -3.59
C LEU A 331 24.27 7.04 -3.87
N GLU A 332 25.37 6.98 -4.62
CA GLU A 332 26.05 8.18 -4.99
C GLU A 332 26.01 8.49 -6.45
N THR A 333 25.00 7.93 -7.10
CA THR A 333 24.72 8.15 -8.50
C THR A 333 23.24 8.48 -8.53
N ASP A 334 22.50 7.86 -7.58
CA ASP A 334 21.05 8.03 -7.46
C ASP A 334 20.60 8.70 -6.22
N ASP A 335 20.05 9.89 -6.39
CA ASP A 335 19.56 10.66 -5.28
C ASP A 335 18.37 10.06 -4.64
N ALA A 336 17.48 9.48 -5.44
CA ALA A 336 16.28 8.90 -4.90
C ALA A 336 16.64 7.71 -4.01
N LEU A 337 17.62 6.92 -4.45
CA LEU A 337 18.13 5.76 -3.71
C LEU A 337 18.78 6.20 -2.43
N ALA A 338 19.59 7.22 -2.57
CA ALA A 338 20.24 7.83 -1.46
C ALA A 338 19.20 8.12 -0.33
N LYS A 339 18.03 8.62 -0.75
CA LYS A 339 16.94 8.98 0.16
C LYS A 339 16.24 7.76 0.76
N GLY A 340 16.44 6.61 0.12
CA GLY A 340 15.82 5.39 0.61
C GLY A 340 16.65 4.81 1.72
N LEU A 341 17.92 5.20 1.77
CA LEU A 341 18.83 4.67 2.79
C LEU A 341 18.37 5.03 4.19
N ASN A 342 18.21 4.03 5.02
CA ASN A 342 17.71 4.25 6.38
C ASN A 342 18.74 3.90 7.47
N VAL A 343 19.47 2.81 7.26
CA VAL A 343 20.48 2.29 8.20
C VAL A 343 21.72 1.77 7.49
N GLN A 344 22.88 2.01 8.05
CA GLN A 344 24.11 1.56 7.42
C GLN A 344 25.17 1.55 8.47
N ALA A 345 25.91 0.46 8.52
CA ALA A 345 27.01 0.28 9.48
C ALA A 345 26.70 0.70 10.90
N HIS A 346 25.55 0.30 11.40
CA HIS A 346 25.20 0.59 12.78
C HIS A 346 24.74 2.01 13.01
N ARG A 347 24.55 2.74 11.94
CA ARG A 347 24.11 4.10 12.08
C ARG A 347 22.75 4.29 11.50
N LEU A 348 21.93 5.07 12.20
CA LEU A 348 20.64 5.46 11.74
C LEU A 348 20.86 6.71 10.86
N VAL A 349 20.70 6.55 9.55
CA VAL A 349 20.93 7.64 8.60
C VAL A 349 19.70 8.43 8.15
N HIS A 350 18.53 7.88 8.31
CA HIS A 350 17.37 8.59 7.86
C HIS A 350 16.85 9.71 8.77
N PRO A 351 16.96 10.93 8.29
CA PRO A 351 16.59 12.13 9.05
C PRO A 351 15.24 12.08 9.71
N ALA A 352 14.29 11.47 9.05
CA ALA A 352 12.94 11.41 9.59
C ALA A 352 12.84 10.41 10.74
N VAL A 353 13.60 9.34 10.64
CA VAL A 353 13.59 8.29 11.63
C VAL A 353 14.36 8.72 12.88
N GLN A 354 15.37 9.57 12.65
CA GLN A 354 16.19 10.13 13.70
C GLN A 354 15.31 11.04 14.56
N GLN A 355 14.45 11.76 13.89
CA GLN A 355 13.56 12.65 14.55
C GLN A 355 12.64 11.89 15.53
N VAL A 356 12.36 10.63 15.24
CA VAL A 356 11.45 9.81 16.04
C VAL A 356 12.16 9.13 17.19
N PHE A 357 13.38 8.63 16.89
CA PHE A 357 14.25 8.02 17.90
C PHE A 357 15.47 8.92 17.98
N PRO A 358 15.22 10.19 18.39
CA PRO A 358 16.26 11.24 18.46
C PRO A 358 17.49 10.82 19.29
N ASP A 359 17.31 9.77 20.06
CA ASP A 359 18.36 9.29 20.93
C ASP A 359 18.99 8.09 20.39
N LEU A 360 18.62 7.75 19.16
CA LEU A 360 19.15 6.58 18.52
C LEU A 360 20.18 7.12 17.59
N ALA A 361 20.06 8.41 17.34
CA ALA A 361 20.96 9.14 16.42
C ALA A 361 22.36 9.57 16.96
#